data_4WCJ
#
_entry.id   4WCJ
#
_cell.length_a   84.686
_cell.length_b   84.686
_cell.length_c   71.940
_cell.angle_alpha   90.00
_cell.angle_beta   90.00
_cell.angle_gamma   90.00
#
_symmetry.space_group_name_H-M   'I 4'
#
loop_
_entity.id
_entity.type
_entity.pdbx_description
1 polymer 'Polysaccharide deacetylase'
2 non-polymer 'ZINC ION'
3 non-polymer 'CHLORIDE ION'
4 water water
#
_entity_poly.entity_id   1
_entity_poly.type   'polypeptide(L)'
_entity_poly.pdbx_seq_one_letter_code
;MGSSHHHHHHSSGLVPRGSHMESPRTPAGTHLQGDGLVVLCYHRVLPSSRYAISRREFAQQLDYLRQVGVRFVTPQEAED
YLAGRIHLPGKLVLVTFDDGDLSVYRHAFPVLKKRKIPFLFFVIAGQVGRKWEGFSMCSWEQIKEMVASGLCVVGLHTYD
LHYWDSQAKKPVFLLPGRERLFAEDTARGTACLKEHLGLKTRYFAYPYGFGTPTTDEILRTQGFSLVFTLRAKVNRPGDA
PFVGRVLVTPDSWPQVAAWAQASP
;
_entity_poly.pdbx_strand_id   A
#
# COMPACT_ATOMS: atom_id res chain seq x y z
N THR A 30 12.74 -12.58 0.87
CA THR A 30 12.64 -11.45 1.79
C THR A 30 13.93 -11.28 2.59
N HIS A 31 14.83 -10.44 2.08
CA HIS A 31 16.15 -10.26 2.69
C HIS A 31 16.33 -8.85 3.21
N LEU A 32 16.37 -8.70 4.53
CA LEU A 32 16.32 -7.38 5.16
C LEU A 32 17.42 -7.16 6.20
N GLN A 33 18.27 -6.18 5.95
CA GLN A 33 19.32 -5.82 6.91
C GLN A 33 19.50 -4.31 7.02
N GLY A 34 19.80 -3.84 8.23
CA GLY A 34 20.19 -2.46 8.43
C GLY A 34 19.08 -1.45 8.68
N ASP A 35 19.49 -0.26 9.13
CA ASP A 35 18.56 0.85 9.35
C ASP A 35 17.96 1.32 8.04
N GLY A 36 16.71 1.75 8.09
CA GLY A 36 16.03 2.21 6.88
C GLY A 36 14.54 1.95 6.98
N LEU A 37 13.84 2.13 5.87
CA LEU A 37 12.38 2.04 5.83
C LEU A 37 11.88 0.74 5.21
N VAL A 38 11.20 -0.07 6.01
CA VAL A 38 10.50 -1.24 5.46
C VAL A 38 9.02 -0.92 5.35
N VAL A 39 8.43 -1.25 4.22
CA VAL A 39 7.02 -0.95 3.98
C VAL A 39 6.24 -2.27 3.87
N LEU A 40 5.28 -2.47 4.76
CA LEU A 40 4.51 -3.72 4.77
C LEU A 40 3.29 -3.62 3.88
N CYS A 41 3.01 -4.70 3.15
CA CYS A 41 1.82 -4.77 2.33
C CYS A 41 0.88 -5.87 2.84
N TYR A 42 -0.25 -5.43 3.39
CA TYR A 42 -1.34 -6.31 3.82
C TYR A 42 -2.50 -6.21 2.83
N HIS A 43 -3.42 -7.17 2.88
CA HIS A 43 -4.63 -7.12 2.07
C HIS A 43 -5.86 -7.21 2.95
N ARG A 44 -6.05 -8.37 3.57
CA ARG A 44 -7.23 -8.62 4.37
C ARG A 44 -6.88 -8.97 5.79
N VAL A 45 -7.75 -8.57 6.71
CA VAL A 45 -7.64 -8.99 8.09
C VAL A 45 -8.88 -9.81 8.40
N LEU A 46 -8.75 -11.13 8.21
CA LEU A 46 -9.87 -12.05 8.14
C LEU A 46 -9.46 -13.42 8.68
N PRO A 47 -10.44 -14.17 9.22
CA PRO A 47 -10.09 -15.43 9.90
C PRO A 47 -9.98 -16.67 9.00
N SER A 48 -10.52 -16.66 7.78
CA SER A 48 -10.60 -17.89 6.99
C SER A 48 -10.16 -17.76 5.53
N SER A 49 -9.77 -16.56 5.12
CA SER A 49 -9.50 -16.30 3.72
C SER A 49 -8.03 -16.43 3.33
N ARG A 50 -7.79 -16.60 2.03
CA ARG A 50 -6.46 -16.42 1.45
C ARG A 50 -6.00 -14.97 1.57
N TYR A 51 -4.68 -14.77 1.54
CA TYR A 51 -4.08 -13.43 1.58
C TYR A 51 -4.59 -12.63 2.77
N ALA A 52 -4.86 -13.34 3.86
CA ALA A 52 -5.41 -12.72 5.04
C ALA A 52 -4.59 -13.06 6.29
N ILE A 53 -4.58 -12.12 7.22
CA ILE A 53 -3.98 -12.30 8.52
C ILE A 53 -5.06 -12.08 9.57
N SER A 54 -5.02 -12.84 10.66
CA SER A 54 -6.07 -12.69 11.66
C SER A 54 -5.90 -11.38 12.42
N ARG A 55 -7.02 -10.87 12.92
CA ARG A 55 -7.05 -9.66 13.73
C ARG A 55 -6.05 -9.74 14.87
N ARG A 56 -6.11 -10.84 15.60
CA ARG A 56 -5.18 -11.13 16.69
C ARG A 56 -3.72 -11.09 16.22
N GLU A 57 -3.42 -11.81 15.14
CA GLU A 57 -2.06 -11.87 14.61
C GLU A 57 -1.58 -10.51 14.13
N PHE A 58 -2.46 -9.78 13.44
CA PHE A 58 -2.16 -8.44 12.96
C PHE A 58 -1.76 -7.53 14.13
N ALA A 59 -2.58 -7.50 15.17
CA ALA A 59 -2.29 -6.67 16.34
C ALA A 59 -1.00 -7.09 17.04
N GLN A 60 -0.76 -8.40 17.11
CA GLN A 60 0.46 -8.91 17.70
C GLN A 60 1.69 -8.49 16.90
N GLN A 61 1.57 -8.49 15.57
CA GLN A 61 2.66 -8.02 14.71
C GLN A 61 3.00 -6.56 14.94
N LEU A 62 1.97 -5.73 15.00
CA LEU A 62 2.16 -4.31 15.25
C LEU A 62 2.78 -4.11 16.62
N ASP A 63 2.23 -4.82 17.61
CA ASP A 63 2.72 -4.73 18.97
C ASP A 63 4.18 -5.16 19.06
N TYR A 64 4.53 -6.25 18.39
CA TYR A 64 5.91 -6.72 18.44
C TYR A 64 6.87 -5.68 17.88
N LEU A 65 6.53 -5.13 16.72
CA LEU A 65 7.37 -4.13 16.07
C LEU A 65 7.62 -2.95 16.99
N ARG A 66 6.55 -2.43 17.59
CA ARG A 66 6.64 -1.33 18.53
C ARG A 66 7.45 -1.71 19.76
N GLN A 67 7.18 -2.91 20.29
CA GLN A 67 7.87 -3.43 21.46
C GLN A 67 9.39 -3.44 21.30
N VAL A 68 9.87 -3.85 20.13
CA VAL A 68 11.31 -3.95 19.90
C VAL A 68 11.88 -2.65 19.30
N GLY A 69 11.07 -1.60 19.29
CA GLY A 69 11.60 -0.27 19.03
C GLY A 69 11.46 0.29 17.62
N VAL A 70 10.65 -0.36 16.79
CA VAL A 70 10.39 0.12 15.44
C VAL A 70 9.50 1.38 15.44
N ARG A 71 9.91 2.40 14.68
CA ARG A 71 9.12 3.62 14.54
C ARG A 71 8.15 3.56 13.34
N PHE A 72 6.86 3.70 13.62
CA PHE A 72 5.87 3.75 12.55
C PHE A 72 5.74 5.16 11.98
N VAL A 73 5.85 5.22 10.67
CA VAL A 73 6.02 6.45 9.89
C VAL A 73 4.76 6.77 9.08
N THR A 74 4.44 8.05 8.89
CA THR A 74 3.30 8.45 8.06
C THR A 74 3.69 8.36 6.59
N PRO A 75 2.69 8.26 5.69
CA PRO A 75 3.06 8.30 4.27
C PRO A 75 3.86 9.57 3.89
N GLN A 76 3.49 10.73 4.43
CA GLN A 76 4.25 11.95 4.19
C GLN A 76 5.68 11.84 4.68
N GLU A 77 5.85 11.28 5.88
CA GLU A 77 7.18 11.07 6.45
C GLU A 77 8.01 10.16 5.56
N ALA A 78 7.35 9.12 5.04
CA ALA A 78 8.02 8.15 4.18
C ALA A 78 8.52 8.83 2.91
N GLU A 79 7.69 9.69 2.34
CA GLU A 79 8.04 10.40 1.11
C GLU A 79 9.20 11.34 1.34
N ASP A 80 9.13 12.09 2.44
CA ASP A 80 10.22 13.01 2.75
C ASP A 80 11.50 12.25 3.12
N TYR A 81 11.34 11.08 3.72
CA TYR A 81 12.49 10.27 4.10
C TYR A 81 13.19 9.72 2.86
N LEU A 82 12.42 9.05 2.00
CA LEU A 82 12.96 8.43 0.79
C LEU A 82 13.49 9.46 -0.19
N ALA A 83 12.91 10.66 -0.14
CA ALA A 83 13.40 11.75 -0.98
C ALA A 83 14.60 12.43 -0.32
N GLY A 84 14.96 11.97 0.88
CA GLY A 84 16.09 12.51 1.60
C GLY A 84 15.93 13.99 1.90
N ARG A 85 14.68 14.45 1.82
CA ARG A 85 14.31 15.85 1.96
C ARG A 85 14.11 16.20 3.43
N ILE A 86 13.62 15.25 4.20
CA ILE A 86 13.83 15.27 5.64
C ILE A 86 14.87 14.22 5.87
N HIS A 87 15.42 14.16 7.08
CA HIS A 87 16.61 13.36 7.25
C HIS A 87 16.54 12.30 8.35
N LEU A 88 16.24 11.08 7.91
CA LEU A 88 16.64 9.87 8.63
C LEU A 88 16.10 9.89 10.07
N PRO A 89 16.68 9.14 11.04
CA PRO A 89 17.57 7.97 11.11
C PRO A 89 16.87 6.73 11.67
N GLY A 90 17.64 5.65 11.87
CA GLY A 90 17.14 4.44 12.50
C GLY A 90 16.24 3.53 11.67
N LYS A 91 15.41 2.77 12.37
CA LYS A 91 14.57 1.70 11.80
C LYS A 91 13.11 2.14 11.60
N LEU A 92 12.69 2.30 10.35
CA LEU A 92 11.36 2.85 10.05
C LEU A 92 10.43 1.84 9.38
N VAL A 93 9.13 1.96 9.63
CA VAL A 93 8.13 1.09 8.98
C VAL A 93 6.86 1.86 8.59
N LEU A 94 6.42 1.64 7.36
CA LEU A 94 5.13 2.12 6.88
C LEU A 94 4.17 0.96 6.67
N VAL A 95 2.98 1.06 7.26
CA VAL A 95 1.93 0.08 7.06
C VAL A 95 1.10 0.44 5.84
N THR A 96 0.94 -0.50 4.91
CA THR A 96 0.06 -0.29 3.76
C THR A 96 -0.89 -1.47 3.52
N PHE A 97 -2.04 -1.15 2.94
CA PHE A 97 -3.03 -2.16 2.53
C PHE A 97 -3.39 -1.97 1.06
N ASP A 98 -3.50 -3.07 0.33
CA ASP A 98 -3.94 -3.06 -1.08
C ASP A 98 -5.35 -3.61 -1.28
N ASP A 99 -6.13 -2.87 -2.08
CA ASP A 99 -7.37 -3.28 -2.78
C ASP A 99 -8.61 -2.49 -2.34
N GLY A 100 -8.95 -2.57 -1.05
CA GLY A 100 -10.10 -1.85 -0.55
C GLY A 100 -11.02 -2.74 0.28
N ASP A 101 -10.51 -3.89 0.71
CA ASP A 101 -11.36 -4.86 1.41
C ASP A 101 -12.05 -4.26 2.64
N LEU A 102 -13.30 -4.65 2.85
CA LEU A 102 -14.08 -4.19 4.00
C LEU A 102 -13.38 -4.48 5.32
N SER A 103 -12.60 -5.56 5.36
CA SER A 103 -11.95 -5.93 6.61
C SER A 103 -10.93 -4.89 7.05
N VAL A 104 -10.42 -4.09 6.11
CA VAL A 104 -9.53 -3.00 6.53
C VAL A 104 -10.30 -2.04 7.45
N TYR A 105 -11.56 -1.76 7.11
CA TYR A 105 -12.39 -0.92 7.96
C TYR A 105 -12.86 -1.64 9.22
N ARG A 106 -13.39 -2.84 9.04
CA ARG A 106 -14.07 -3.56 10.12
C ARG A 106 -13.10 -4.11 11.17
N HIS A 107 -11.91 -4.52 10.73
CA HIS A 107 -10.98 -5.22 11.61
C HIS A 107 -9.61 -4.57 11.74
N ALA A 108 -9.02 -4.12 10.64
CA ALA A 108 -7.70 -3.50 10.72
C ALA A 108 -7.74 -2.13 11.39
N PHE A 109 -8.68 -1.30 10.96
CA PHE A 109 -8.77 0.09 11.44
C PHE A 109 -8.87 0.25 12.96
N PRO A 110 -9.70 -0.56 13.65
CA PRO A 110 -9.73 -0.41 15.12
C PRO A 110 -8.39 -0.71 15.79
N VAL A 111 -7.69 -1.73 15.28
CA VAL A 111 -6.36 -2.09 15.77
C VAL A 111 -5.40 -0.91 15.58
N LEU A 112 -5.40 -0.35 14.37
CA LEU A 112 -4.54 0.77 14.01
C LEU A 112 -4.88 2.04 14.80
N LYS A 113 -6.17 2.27 14.98
CA LYS A 113 -6.63 3.49 15.65
C LYS A 113 -6.26 3.44 17.12
N LYS A 114 -6.45 2.28 17.75
CA LYS A 114 -6.18 2.12 19.17
C LYS A 114 -4.69 2.21 19.47
N ARG A 115 -3.87 2.10 18.42
CA ARG A 115 -2.42 2.23 18.53
C ARG A 115 -1.90 3.51 17.87
N LYS A 116 -2.80 4.28 17.27
CA LYS A 116 -2.45 5.53 16.58
C LYS A 116 -1.41 5.32 15.48
N ILE A 117 -1.51 4.18 14.80
CA ILE A 117 -0.59 3.84 13.72
C ILE A 117 -1.15 4.28 12.36
N PRO A 118 -0.42 5.16 11.68
CA PRO A 118 -0.81 5.61 10.33
C PRO A 118 -0.74 4.46 9.34
N PHE A 119 -1.44 4.57 8.23
CA PHE A 119 -1.32 3.58 7.17
C PHE A 119 -1.73 4.16 5.82
N LEU A 120 -1.19 3.57 4.75
CA LEU A 120 -1.54 3.97 3.41
C LEU A 120 -2.46 2.90 2.83
N PHE A 121 -3.64 3.32 2.36
CA PHE A 121 -4.65 2.41 1.82
C PHE A 121 -4.75 2.60 0.32
N PHE A 122 -4.20 1.66 -0.45
CA PHE A 122 -4.26 1.73 -1.90
C PHE A 122 -5.55 1.10 -2.41
N VAL A 123 -6.49 1.91 -2.87
CA VAL A 123 -7.77 1.36 -3.29
C VAL A 123 -7.96 1.27 -4.81
N ILE A 124 -8.66 0.22 -5.21
CA ILE A 124 -9.14 0.07 -6.59
C ILE A 124 -10.37 0.97 -6.68
N ALA A 125 -10.17 2.20 -7.15
CA ALA A 125 -11.18 3.24 -6.95
C ALA A 125 -12.51 2.88 -7.59
N GLY A 126 -12.49 2.15 -8.70
CA GLY A 126 -13.70 1.76 -9.39
C GLY A 126 -14.44 0.58 -8.77
N GLN A 127 -13.84 -0.06 -7.78
CA GLN A 127 -14.46 -1.21 -7.11
C GLN A 127 -14.90 -0.88 -5.70
N VAL A 128 -14.60 0.33 -5.24
CA VAL A 128 -15.06 0.77 -3.93
C VAL A 128 -16.60 0.75 -3.84
N GLY A 129 -17.13 0.22 -2.75
CA GLY A 129 -18.56 0.23 -2.56
C GLY A 129 -19.27 -0.94 -3.24
N ARG A 130 -18.49 -1.85 -3.81
CA ARG A 130 -19.02 -3.06 -4.46
C ARG A 130 -18.50 -4.34 -3.81
N LYS A 131 -18.99 -5.49 -4.29
CA LYS A 131 -18.33 -6.77 -4.01
C LYS A 131 -17.35 -7.06 -5.13
N TRP A 132 -16.12 -7.42 -4.77
CA TRP A 132 -15.05 -7.56 -5.75
C TRP A 132 -14.33 -8.87 -5.51
N GLU A 133 -14.39 -9.74 -6.52
CA GLU A 133 -13.79 -11.07 -6.46
C GLU A 133 -14.23 -11.83 -5.21
N GLY A 134 -15.49 -11.62 -4.82
CA GLY A 134 -16.08 -12.37 -3.73
C GLY A 134 -16.07 -11.69 -2.38
N PHE A 135 -15.45 -10.51 -2.30
CA PHE A 135 -15.30 -9.81 -1.03
C PHE A 135 -15.94 -8.44 -1.06
N SER A 136 -16.66 -8.09 0.02
CA SER A 136 -17.16 -6.73 0.14
C SER A 136 -16.01 -5.77 0.26
N MET A 137 -16.12 -4.65 -0.45
CA MET A 137 -15.14 -3.58 -0.35
C MET A 137 -15.67 -2.53 0.61
N CYS A 138 -14.77 -1.74 1.19
CA CYS A 138 -15.17 -0.56 1.92
C CYS A 138 -16.07 0.30 1.05
N SER A 139 -17.02 0.98 1.68
CA SER A 139 -17.76 2.04 1.00
C SER A 139 -16.96 3.34 1.06
N TRP A 140 -17.35 4.32 0.25
CA TRP A 140 -16.73 5.64 0.35
C TRP A 140 -16.93 6.27 1.73
N GLU A 141 -18.10 6.05 2.35
CA GLU A 141 -18.32 6.57 3.70
C GLU A 141 -17.31 6.01 4.67
N GLN A 142 -17.00 4.73 4.51
CA GLN A 142 -16.09 4.05 5.41
C GLN A 142 -14.65 4.51 5.19
N ILE A 143 -14.26 4.70 3.94
CA ILE A 143 -12.93 5.24 3.64
C ILE A 143 -12.80 6.66 4.19
N LYS A 144 -13.83 7.47 3.95
CA LYS A 144 -13.85 8.85 4.46
C LYS A 144 -13.70 8.90 5.97
N GLU A 145 -14.35 7.98 6.68
CA GLU A 145 -14.27 7.97 8.13
C GLU A 145 -12.84 7.66 8.58
N MET A 146 -12.18 6.76 7.86
CA MET A 146 -10.81 6.43 8.20
C MET A 146 -9.86 7.58 7.89
N VAL A 147 -10.07 8.25 6.77
CA VAL A 147 -9.29 9.44 6.43
C VAL A 147 -9.50 10.54 7.49
N ALA A 148 -10.73 10.70 7.95
CA ALA A 148 -11.04 11.73 8.94
C ALA A 148 -10.30 11.56 10.28
N SER A 149 -9.81 10.37 10.56
CA SER A 149 -9.09 10.11 11.80
C SER A 149 -7.69 10.72 11.71
N GLY A 150 -7.29 11.08 10.51
CA GLY A 150 -5.95 11.59 10.27
C GLY A 150 -4.90 10.48 10.13
N LEU A 151 -5.32 9.23 10.26
CA LEU A 151 -4.40 8.09 10.24
C LEU A 151 -4.28 7.46 8.87
N CYS A 152 -5.35 7.57 8.09
CA CYS A 152 -5.41 6.89 6.79
C CYS A 152 -5.19 7.87 5.64
N VAL A 153 -4.21 7.56 4.80
CA VAL A 153 -4.01 8.27 3.55
C VAL A 153 -4.35 7.29 2.43
N VAL A 154 -5.19 7.71 1.49
CA VAL A 154 -5.57 6.83 0.39
C VAL A 154 -4.71 7.04 -0.86
N GLY A 155 -4.22 5.93 -1.42
CA GLY A 155 -3.50 5.96 -2.68
C GLY A 155 -4.29 5.20 -3.73
N LEU A 156 -3.80 5.21 -4.97
CA LEU A 156 -4.52 4.57 -6.06
C LEU A 156 -3.89 3.21 -6.44
N HIS A 157 -4.77 2.23 -6.69
CA HIS A 157 -4.41 0.86 -7.02
C HIS A 157 -5.09 0.54 -8.36
N THR A 158 -4.89 1.45 -9.33
CA THR A 158 -5.71 1.59 -10.55
C THR A 158 -7.16 1.96 -10.23
N TYR A 159 -7.88 2.43 -11.26
CA TYR A 159 -9.33 2.60 -11.16
C TYR A 159 -10.04 1.24 -11.31
N ASP A 160 -9.80 0.57 -12.42
CA ASP A 160 -10.39 -0.75 -12.65
C ASP A 160 -9.55 -1.55 -13.64
N LEU A 161 -8.29 -1.77 -13.29
CA LEU A 161 -7.38 -2.53 -14.13
C LEU A 161 -6.65 -3.60 -13.31
N HIS A 162 -7.26 -4.03 -12.21
CA HIS A 162 -6.68 -5.05 -11.36
C HIS A 162 -7.03 -6.44 -11.87
N TYR A 163 -6.58 -6.74 -13.07
CA TYR A 163 -6.88 -7.99 -13.72
C TYR A 163 -5.60 -8.63 -14.24
N TRP A 164 -5.58 -9.96 -14.21
CA TRP A 164 -4.42 -10.75 -14.63
C TRP A 164 -4.72 -11.53 -15.91
N ASP A 165 -3.82 -11.44 -16.89
CA ASP A 165 -3.94 -12.25 -18.10
C ASP A 165 -3.10 -13.51 -17.96
N SER A 166 -3.76 -14.66 -17.87
CA SER A 166 -3.08 -15.92 -17.63
C SER A 166 -2.42 -16.48 -18.90
N GLN A 167 -2.94 -16.09 -20.05
CA GLN A 167 -2.37 -16.51 -21.33
C GLN A 167 -1.00 -15.86 -21.52
N ALA A 168 -0.92 -14.57 -21.25
CA ALA A 168 0.33 -13.83 -21.43
C ALA A 168 1.19 -13.84 -20.17
N LYS A 169 0.61 -14.33 -19.07
CA LYS A 169 1.29 -14.40 -17.79
C LYS A 169 1.75 -13.02 -17.29
N LYS A 170 0.86 -12.04 -17.37
CA LYS A 170 1.15 -10.69 -16.89
C LYS A 170 -0.16 -9.90 -16.68
N PRO A 171 -0.10 -8.79 -15.93
CA PRO A 171 -1.32 -8.00 -15.74
C PRO A 171 -1.82 -7.38 -17.04
N VAL A 172 -3.14 -7.21 -17.15
CA VAL A 172 -3.74 -6.60 -18.34
C VAL A 172 -3.13 -5.24 -18.72
N PHE A 173 -2.71 -4.47 -17.73
CA PHE A 173 -2.21 -3.13 -18.03
C PHE A 173 -0.77 -3.13 -18.52
N LEU A 174 -0.15 -4.31 -18.57
CA LEU A 174 1.21 -4.43 -19.11
C LEU A 174 1.22 -5.17 -20.45
N LEU A 175 0.03 -5.53 -20.93
CA LEU A 175 -0.12 -6.13 -22.26
C LEU A 175 0.29 -5.12 -23.33
N PRO A 176 0.75 -5.61 -24.49
CA PRO A 176 1.16 -4.70 -25.56
C PRO A 176 0.05 -3.76 -26.02
N GLY A 177 0.40 -2.52 -26.34
CA GLY A 177 -0.57 -1.57 -26.86
C GLY A 177 -1.57 -1.11 -25.83
N ARG A 178 -1.22 -1.26 -24.54
CA ARG A 178 -2.15 -0.91 -23.47
C ARG A 178 -1.72 0.34 -22.69
N GLU A 179 -0.67 1.02 -23.15
CA GLU A 179 -0.17 2.19 -22.42
C GLU A 179 -1.17 3.33 -22.39
N ARG A 180 -1.97 3.45 -23.44
CA ARG A 180 -3.04 4.44 -23.48
C ARG A 180 -4.12 4.12 -22.44
N LEU A 181 -4.56 2.87 -22.42
CA LEU A 181 -5.57 2.41 -21.47
C LEU A 181 -5.10 2.63 -20.04
N PHE A 182 -3.81 2.41 -19.80
CA PHE A 182 -3.27 2.58 -18.45
C PHE A 182 -3.28 4.05 -18.04
N ALA A 183 -2.98 4.92 -19.00
CA ALA A 183 -2.95 6.35 -18.74
C ALA A 183 -4.36 6.85 -18.42
N GLU A 184 -5.33 6.39 -19.19
CA GLU A 184 -6.71 6.85 -19.04
C GLU A 184 -7.30 6.37 -17.71
N ASP A 185 -7.01 5.12 -17.38
CA ASP A 185 -7.47 4.52 -16.13
C ASP A 185 -6.88 5.25 -14.93
N THR A 186 -5.60 5.56 -15.00
CA THR A 186 -4.91 6.28 -13.93
C THR A 186 -5.49 7.67 -13.73
N ALA A 187 -5.78 8.36 -14.83
CA ALA A 187 -6.35 9.70 -14.74
C ALA A 187 -7.75 9.64 -14.16
N ARG A 188 -8.49 8.59 -14.52
CA ARG A 188 -9.84 8.41 -13.99
C ARG A 188 -9.75 8.14 -12.49
N GLY A 189 -8.79 7.32 -12.11
CA GLY A 189 -8.60 6.97 -10.72
C GLY A 189 -8.29 8.20 -9.89
N THR A 190 -7.38 9.04 -10.38
CA THR A 190 -7.01 10.23 -9.59
C THR A 190 -8.18 11.21 -9.49
N ALA A 191 -8.93 11.36 -10.59
CA ALA A 191 -10.07 12.25 -10.63
C ALA A 191 -11.12 11.79 -9.62
N CYS A 192 -11.34 10.48 -9.59
CA CYS A 192 -12.34 9.89 -8.73
C CYS A 192 -11.99 10.08 -7.25
N LEU A 193 -10.73 9.86 -6.90
CA LEU A 193 -10.30 10.04 -5.52
C LEU A 193 -10.38 11.51 -5.12
N LYS A 194 -10.08 12.40 -6.07
CA LYS A 194 -10.19 13.83 -5.82
C LYS A 194 -11.64 14.21 -5.56
N GLU A 195 -12.55 13.67 -6.37
CA GLU A 195 -13.97 13.95 -6.22
C GLU A 195 -14.50 13.52 -4.85
N HIS A 196 -14.08 12.34 -4.40
CA HIS A 196 -14.59 11.81 -3.14
C HIS A 196 -13.86 12.39 -1.93
N LEU A 197 -12.54 12.47 -2.00
CA LEU A 197 -11.73 12.81 -0.82
C LEU A 197 -11.22 14.25 -0.82
N GLY A 198 -11.37 14.94 -1.96
CA GLY A 198 -10.94 16.33 -2.07
C GLY A 198 -9.44 16.52 -1.99
N LEU A 199 -8.69 15.46 -2.28
CA LEU A 199 -7.23 15.48 -2.17
C LEU A 199 -6.56 15.02 -3.46
N LYS A 200 -5.44 15.65 -3.80
CA LYS A 200 -4.60 15.15 -4.87
C LYS A 200 -3.94 13.85 -4.43
N THR A 201 -3.86 12.87 -5.33
CA THR A 201 -3.34 11.56 -4.98
C THR A 201 -1.84 11.47 -5.26
N ARG A 202 -1.03 11.41 -4.20
CA ARG A 202 0.42 11.37 -4.38
C ARG A 202 0.98 9.96 -4.61
N TYR A 203 0.24 8.93 -4.21
CA TYR A 203 0.84 7.60 -4.11
C TYR A 203 0.12 6.54 -4.93
N PHE A 204 0.90 5.68 -5.59
CA PHE A 204 0.35 4.62 -6.43
C PHE A 204 1.01 3.28 -6.13
N ALA A 205 0.20 2.22 -6.14
CA ALA A 205 0.70 0.85 -5.98
C ALA A 205 0.28 -0.01 -7.18
N TYR A 206 1.25 -0.67 -7.79
CA TYR A 206 0.98 -1.57 -8.91
C TYR A 206 0.28 -2.83 -8.45
N PRO A 207 -0.87 -3.14 -9.06
CA PRO A 207 -1.44 -4.48 -8.84
C PRO A 207 -0.44 -5.53 -9.33
N TYR A 208 -0.30 -6.59 -8.54
CA TYR A 208 0.62 -7.72 -8.79
C TYR A 208 2.08 -7.29 -8.63
N GLY A 209 2.31 -6.03 -8.28
CA GLY A 209 3.58 -5.61 -7.72
C GLY A 209 4.63 -4.95 -8.60
N PHE A 210 4.41 -4.90 -9.90
CA PHE A 210 5.46 -4.41 -10.81
C PHE A 210 4.98 -3.60 -11.98
N GLY A 211 5.86 -2.77 -12.52
CA GLY A 211 5.54 -1.96 -13.67
C GLY A 211 6.67 -1.98 -14.68
N THR A 212 6.57 -1.10 -15.66
CA THR A 212 7.60 -0.95 -16.68
C THR A 212 8.07 0.51 -16.67
N PRO A 213 9.19 0.82 -17.34
CA PRO A 213 9.56 2.24 -17.47
C PRO A 213 8.45 3.06 -18.15
N THR A 214 7.68 2.41 -19.01
CA THR A 214 6.61 3.11 -19.72
C THR A 214 5.51 3.49 -18.73
N THR A 215 5.11 2.55 -17.89
CA THR A 215 4.07 2.84 -16.90
C THR A 215 4.60 3.76 -15.80
N ASP A 216 5.88 3.61 -15.43
CA ASP A 216 6.51 4.51 -14.46
C ASP A 216 6.42 5.96 -14.92
N GLU A 217 6.65 6.16 -16.21
CA GLU A 217 6.67 7.50 -16.77
C GLU A 217 5.26 8.10 -16.81
N ILE A 218 4.27 7.27 -17.13
CA ILE A 218 2.89 7.73 -17.12
C ILE A 218 2.55 8.23 -15.71
N LEU A 219 2.89 7.42 -14.70
CA LEU A 219 2.67 7.85 -13.32
C LEU A 219 3.40 9.16 -12.98
N ARG A 220 4.64 9.30 -13.45
CA ARG A 220 5.40 10.50 -13.14
C ARG A 220 4.71 11.73 -13.73
N THR A 221 4.33 11.63 -15.00
CA THR A 221 3.73 12.77 -15.68
C THR A 221 2.34 13.08 -15.13
N GLN A 222 1.72 12.10 -14.49
CA GLN A 222 0.42 12.34 -13.87
C GLN A 222 0.57 12.77 -12.41
N GLY A 223 1.79 13.06 -12.00
CA GLY A 223 2.03 13.73 -10.73
C GLY A 223 2.28 12.90 -9.50
N PHE A 224 2.43 11.59 -9.65
CA PHE A 224 2.68 10.73 -8.49
C PHE A 224 4.08 10.95 -7.93
N SER A 225 4.17 11.00 -6.60
CA SER A 225 5.42 11.23 -5.89
C SER A 225 6.09 9.93 -5.46
N LEU A 226 5.30 8.89 -5.27
CA LEU A 226 5.82 7.57 -4.91
C LEU A 226 5.05 6.48 -5.63
N VAL A 227 5.81 5.49 -6.10
CA VAL A 227 5.28 4.33 -6.81
C VAL A 227 5.73 3.09 -6.04
N PHE A 228 4.76 2.32 -5.56
CA PHE A 228 5.06 1.19 -4.68
C PHE A 228 4.99 -0.16 -5.38
N THR A 229 6.00 -0.98 -5.13
CA THR A 229 6.14 -2.31 -5.72
C THR A 229 6.09 -3.37 -4.63
N LEU A 230 6.24 -4.63 -5.03
CA LEU A 230 6.37 -5.74 -4.06
C LEU A 230 7.79 -6.31 -4.09
N ARG A 231 8.76 -5.44 -4.35
CA ARG A 231 10.16 -5.79 -4.23
C ARG A 231 10.56 -5.68 -2.76
N ALA A 232 10.75 -6.81 -2.10
CA ALA A 232 11.01 -6.80 -0.66
C ALA A 232 12.43 -6.32 -0.34
N LYS A 233 12.54 -5.08 0.14
CA LYS A 233 13.85 -4.52 0.44
C LYS A 233 13.78 -3.52 1.58
N VAL A 234 14.93 -3.16 2.13
CA VAL A 234 15.01 -2.01 3.03
C VAL A 234 15.19 -0.76 2.18
N ASN A 235 14.22 0.14 2.26
CA ASN A 235 14.27 1.37 1.48
C ASN A 235 15.12 2.43 2.19
N ARG A 236 15.93 3.14 1.41
CA ARG A 236 16.88 4.11 1.94
C ARG A 236 16.67 5.49 1.31
N PRO A 237 17.13 6.56 1.97
CA PRO A 237 17.00 7.89 1.37
C PRO A 237 17.61 7.94 -0.04
N GLY A 238 16.91 8.58 -0.96
CA GLY A 238 17.36 8.64 -2.35
C GLY A 238 16.80 7.55 -3.22
N ASP A 239 15.85 6.79 -2.69
CA ASP A 239 15.20 5.74 -3.46
C ASP A 239 13.96 6.25 -4.19
N ALA A 240 13.46 7.41 -3.77
CA ALA A 240 12.27 7.98 -4.38
C ALA A 240 12.48 8.15 -5.88
N PRO A 241 11.43 7.94 -6.69
CA PRO A 241 10.04 7.68 -6.27
C PRO A 241 9.66 6.23 -6.05
N PHE A 242 10.61 5.29 -6.12
CA PHE A 242 10.23 3.87 -6.09
C PHE A 242 10.39 3.22 -4.72
N VAL A 243 9.33 2.57 -4.26
CA VAL A 243 9.30 2.00 -2.91
C VAL A 243 9.05 0.48 -2.91
N GLY A 244 10.02 -0.27 -2.40
CA GLY A 244 9.87 -1.72 -2.32
C GLY A 244 9.13 -2.17 -1.07
N ARG A 245 8.08 -2.97 -1.25
CA ARG A 245 7.27 -3.41 -0.12
C ARG A 245 7.39 -4.91 0.12
N VAL A 246 7.29 -5.29 1.39
CA VAL A 246 7.23 -6.68 1.79
C VAL A 246 5.79 -7.16 1.88
N LEU A 247 5.40 -8.10 1.04
CA LEU A 247 4.08 -8.71 1.18
C LEU A 247 4.08 -9.57 2.43
N VAL A 248 3.27 -9.21 3.42
CA VAL A 248 3.23 -9.95 4.68
C VAL A 248 2.57 -11.32 4.49
N THR A 249 3.33 -12.36 4.82
CA THR A 249 2.85 -13.74 4.79
C THR A 249 3.37 -14.45 6.03
N PRO A 250 2.90 -15.68 6.29
CA PRO A 250 3.51 -16.43 7.39
C PRO A 250 5.02 -16.63 7.20
N ASP A 251 5.46 -16.69 5.94
CA ASP A 251 6.86 -16.95 5.63
C ASP A 251 7.73 -15.68 5.64
N SER A 252 7.15 -14.53 5.34
CA SER A 252 7.91 -13.30 5.26
C SER A 252 7.99 -12.58 6.60
N TRP A 253 7.00 -12.80 7.46
CA TRP A 253 6.98 -12.15 8.76
C TRP A 253 8.23 -12.44 9.62
N PRO A 254 8.68 -13.71 9.72
CA PRO A 254 9.91 -13.95 10.49
C PRO A 254 11.07 -13.07 10.07
N GLN A 255 11.17 -12.78 8.78
CA GLN A 255 12.27 -11.97 8.24
C GLN A 255 12.15 -10.52 8.67
N VAL A 256 10.93 -10.00 8.69
CA VAL A 256 10.69 -8.64 9.12
C VAL A 256 10.96 -8.54 10.62
N ALA A 257 10.46 -9.53 11.37
CA ALA A 257 10.62 -9.57 12.82
C ALA A 257 12.07 -9.68 13.22
N ALA A 258 12.82 -10.51 12.50
CA ALA A 258 14.24 -10.66 12.76
C ALA A 258 14.99 -9.36 12.46
N TRP A 259 14.62 -8.73 11.35
CA TRP A 259 15.19 -7.45 10.97
C TRP A 259 14.92 -6.38 12.00
N ALA A 260 13.72 -6.41 12.58
CA ALA A 260 13.33 -5.46 13.60
C ALA A 260 14.09 -5.68 14.91
N GLN A 261 14.16 -6.94 15.33
CA GLN A 261 14.84 -7.30 16.58
C GLN A 261 16.34 -7.06 16.51
N ALA A 262 16.91 -7.21 15.31
CA ALA A 262 18.34 -7.04 15.10
C ALA A 262 18.78 -5.60 15.37
#